data_9LDI
#
_entry.id   9LDI
#
_cell.length_a   58.620
_cell.length_b   58.620
_cell.length_c   221.940
_cell.angle_alpha   90.00
_cell.angle_beta   90.00
_cell.angle_gamma   120.00
#
_symmetry.space_group_name_H-M   'P 65 2 2'
#
loop_
_entity.id
_entity.type
_entity.pdbx_description
1 polymer "Probable RNA 2'-phosphotransferase"
2 non-polymer 'SULFATE ION'
3 non-polymer '[(2~{R},3~{R},4~{R},5~{R})-5-(6-aminopurin-9-yl)-3,4-diphosphonooxy-oxolan-2-yl]methyl dihydrogen phosphate'
4 non-polymer GLYCEROL
5 water water
#
_entity_poly.entity_id   1
_entity_poly.type   'polypeptide(L)'
_entity_poly.pdbx_seq_one_letter_code
;MKPERKRVSKLMAYILRHSPEEFGLRPDVEGFVSLNELVNALKTVYPEVTEEFVREIVENDPKGRYEIRGDRIRARYGHS
FPVSLDHEEDTESRFLYHGTPRRNLPSILKEGLKPMKRQYVHVSTDKIEALETGRRHGREVVLLVIDAECLRKRGFKIYK
AGKNVRIVERVPPDCITLAV
;
_entity_poly.pdbx_strand_id   A
#
loop_
_chem_comp.id
_chem_comp.type
_chem_comp.name
_chem_comp.formula
A1EJC non-polymer '[(2~{R},3~{R},4~{R},5~{R})-5-(6-aminopurin-9-yl)-3,4-diphosphonooxy-oxolan-2-yl]methyl dihydrogen phosphate' 'C10 H16 N5 O13 P3'
GOL non-polymer GLYCEROL 'C3 H8 O3'
SO4 non-polymer 'SULFATE ION' 'O4 S -2'
#
# COMPACT_ATOMS: atom_id res chain seq x y z
N MET A 1 -19.54 18.52 -18.27
CA MET A 1 -18.60 18.89 -19.31
C MET A 1 -17.25 19.17 -18.66
N LYS A 2 -17.01 20.43 -18.29
CA LYS A 2 -15.82 20.78 -17.52
C LYS A 2 -16.00 20.39 -16.05
N PRO A 3 -17.11 20.75 -15.40
CA PRO A 3 -17.28 20.32 -14.00
C PRO A 3 -17.36 18.80 -13.84
N GLU A 4 -17.91 18.10 -14.84
CA GLU A 4 -17.96 16.64 -14.82
C GLU A 4 -16.56 16.04 -14.67
N ARG A 5 -15.65 16.42 -15.57
CA ARG A 5 -14.30 15.87 -15.51
C ARG A 5 -13.63 16.20 -14.18
N LYS A 6 -13.84 17.41 -13.67
CA LYS A 6 -13.16 17.84 -12.43
C LYS A 6 -13.66 17.07 -11.21
N ARG A 7 -14.97 16.86 -11.08
CA ARG A 7 -15.45 16.19 -9.87
C ARG A 7 -15.07 14.71 -9.90
N VAL A 8 -15.13 14.08 -11.07
CA VAL A 8 -14.68 12.70 -11.19
C VAL A 8 -13.17 12.60 -10.94
N SER A 9 -12.40 13.53 -11.48
CA SER A 9 -10.94 13.53 -11.25
C SER A 9 -10.61 13.67 -9.77
N LYS A 10 -11.31 14.57 -9.05
CA LYS A 10 -11.08 14.74 -7.62
C LYS A 10 -11.30 13.43 -6.87
N LEU A 11 -12.33 12.67 -7.24
CA LEU A 11 -12.58 11.40 -6.57
C LEU A 11 -11.51 10.38 -6.95
N MET A 12 -11.15 10.37 -8.23
CA MET A 12 -10.08 9.51 -8.73
C MET A 12 -8.79 9.71 -7.92
N ALA A 13 -8.39 10.98 -7.72
CA ALA A 13 -7.14 11.24 -6.99
C ALA A 13 -7.26 10.81 -5.54
N TYR A 14 -8.42 11.03 -4.92
CA TYR A 14 -8.60 10.60 -3.53
C TYR A 14 -8.48 9.09 -3.40
N ILE A 15 -9.16 8.36 -4.28
CA ILE A 15 -9.12 6.90 -4.28
C ILE A 15 -7.70 6.39 -4.47
N LEU A 16 -6.99 6.93 -5.47
CA LEU A 16 -5.70 6.38 -5.84
C LEU A 16 -4.57 6.81 -4.91
N ARG A 17 -4.71 7.92 -4.22
CA ARG A 17 -3.65 8.44 -3.35
C ARG A 17 -3.84 8.12 -1.87
N HIS A 18 -5.10 7.99 -1.43
CA HIS A 18 -5.41 8.17 -0.03
C HIS A 18 -6.17 6.99 0.55
N SER A 19 -7.33 6.62 -0.01
CA SER A 19 -8.10 5.53 0.56
C SER A 19 -8.74 4.63 -0.48
N PRO A 20 -7.94 3.77 -1.11
CA PRO A 20 -8.55 2.78 -2.00
C PRO A 20 -9.40 1.79 -1.22
N GLU A 21 -9.11 1.60 0.07
CA GLU A 21 -9.85 0.63 0.88
C GLU A 21 -11.28 1.11 1.14
N GLU A 22 -11.53 2.42 1.12
CA GLU A 22 -12.91 2.86 1.30
C GLU A 22 -13.79 2.45 0.12
N PHE A 23 -13.19 2.05 -1.02
CA PHE A 23 -13.91 1.54 -2.17
C PHE A 23 -13.63 0.06 -2.42
N GLY A 24 -13.02 -0.65 -1.47
CA GLY A 24 -12.78 -2.07 -1.67
C GLY A 24 -11.62 -2.40 -2.59
N LEU A 25 -10.75 -1.44 -2.87
CA LEU A 25 -9.66 -1.61 -3.81
C LEU A 25 -8.38 -1.93 -3.06
N ARG A 26 -7.50 -2.69 -3.70
CA ARG A 26 -6.23 -3.10 -3.12
C ARG A 26 -5.12 -2.83 -4.11
N PRO A 27 -4.38 -1.74 -3.97
CA PRO A 27 -3.31 -1.45 -4.93
C PRO A 27 -2.19 -2.46 -4.81
N ASP A 28 -1.50 -2.69 -5.93
CA ASP A 28 -0.26 -3.47 -5.89
C ASP A 28 0.88 -2.61 -5.36
N VAL A 29 2.07 -3.19 -5.33
CA VAL A 29 3.20 -2.54 -4.66
C VAL A 29 3.54 -1.21 -5.36
N GLU A 30 3.28 -1.13 -6.66
CA GLU A 30 3.56 0.08 -7.41
C GLU A 30 2.43 1.09 -7.35
N GLY A 31 1.37 0.79 -6.61
CA GLY A 31 0.26 1.72 -6.46
C GLY A 31 -0.83 1.60 -7.51
N PHE A 32 -0.76 0.61 -8.40
CA PHE A 32 -1.78 0.47 -9.44
C PHE A 32 -3.00 -0.30 -8.92
N VAL A 33 -4.19 0.08 -9.39
CA VAL A 33 -5.37 -0.79 -9.31
C VAL A 33 -5.82 -1.06 -10.73
N SER A 34 -6.70 -2.04 -10.89
CA SER A 34 -7.16 -2.31 -12.23
C SER A 34 -8.08 -1.18 -12.66
N LEU A 35 -8.04 -0.89 -13.96
CA LEU A 35 -8.90 0.15 -14.50
C LEU A 35 -10.38 -0.20 -14.31
N ASN A 36 -10.75 -1.47 -14.55
CA ASN A 36 -12.15 -1.86 -14.37
C ASN A 36 -12.61 -1.66 -12.93
N GLU A 37 -11.78 -2.03 -11.95
CA GLU A 37 -12.19 -1.88 -10.56
C GLU A 37 -12.35 -0.40 -10.19
N LEU A 38 -11.46 0.46 -10.67
CA LEU A 38 -11.61 1.89 -10.41
C LEU A 38 -12.88 2.44 -11.05
N VAL A 39 -13.19 2.03 -12.29
CA VAL A 39 -14.44 2.46 -12.91
C VAL A 39 -15.64 2.04 -12.07
N ASN A 40 -15.65 0.77 -11.63
CA ASN A 40 -16.78 0.30 -10.84
C ASN A 40 -16.88 1.08 -9.53
N ALA A 41 -15.74 1.45 -8.95
CA ALA A 41 -15.77 2.24 -7.73
C ALA A 41 -16.27 3.66 -8.00
N LEU A 42 -15.81 4.29 -9.09
CA LEU A 42 -16.32 5.62 -9.43
C LEU A 42 -17.81 5.58 -9.72
N LYS A 43 -18.27 4.49 -10.33
CA LYS A 43 -19.64 4.33 -10.73
C LYS A 43 -20.60 4.34 -9.55
N THR A 44 -20.11 4.00 -8.34
CA THR A 44 -21.00 4.05 -7.18
C THR A 44 -21.39 5.48 -6.82
N VAL A 45 -20.55 6.45 -7.17
CA VAL A 45 -20.83 7.86 -6.90
C VAL A 45 -21.33 8.57 -8.16
N TYR A 46 -20.70 8.34 -9.29
CA TYR A 46 -21.07 8.93 -10.58
C TYR A 46 -21.38 7.81 -11.55
N PRO A 47 -22.65 7.39 -11.63
CA PRO A 47 -22.99 6.21 -12.44
C PRO A 47 -22.65 6.35 -13.91
N GLU A 48 -22.49 7.57 -14.42
CA GLU A 48 -22.22 7.81 -15.84
C GLU A 48 -20.76 7.56 -16.23
N VAL A 49 -19.85 7.35 -15.27
CA VAL A 49 -18.44 7.14 -15.60
C VAL A 49 -18.27 5.83 -16.37
N THR A 50 -17.42 5.88 -17.40
CA THR A 50 -17.02 4.69 -18.14
C THR A 50 -15.51 4.63 -18.19
N GLU A 51 -14.98 3.49 -18.64
CA GLU A 51 -13.54 3.36 -18.83
C GLU A 51 -13.01 4.39 -19.80
N GLU A 52 -13.72 4.64 -20.90
CA GLU A 52 -13.25 5.64 -21.85
C GLU A 52 -13.17 7.02 -21.21
N PHE A 53 -14.13 7.35 -20.34
CA PHE A 53 -14.10 8.64 -19.66
C PHE A 53 -12.86 8.76 -18.77
N VAL A 54 -12.57 7.72 -17.99
CA VAL A 54 -11.37 7.71 -17.17
C VAL A 54 -10.12 7.87 -18.04
N ARG A 55 -10.08 7.17 -19.18
CA ARG A 55 -8.91 7.27 -20.05
C ARG A 55 -8.70 8.70 -20.54
N GLU A 56 -9.80 9.40 -20.88
CA GLU A 56 -9.67 10.79 -21.31
C GLU A 56 -9.22 11.70 -20.16
N ILE A 57 -9.72 11.47 -18.95
CA ILE A 57 -9.20 12.20 -17.79
C ILE A 57 -7.69 12.02 -17.68
N VAL A 58 -7.22 10.78 -17.79
CA VAL A 58 -5.78 10.54 -17.69
C VAL A 58 -5.04 11.26 -18.81
N GLU A 59 -5.51 11.12 -20.06
CA GLU A 59 -4.81 11.71 -21.20
C GLU A 59 -4.74 13.23 -21.10
N ASN A 60 -5.79 13.87 -20.60
CA ASN A 60 -5.88 15.32 -20.64
C ASN A 60 -5.48 16.00 -19.33
N ASP A 61 -5.02 15.26 -18.35
CA ASP A 61 -4.73 15.87 -17.05
C ASP A 61 -3.53 16.82 -17.16
N PRO A 62 -3.69 18.08 -16.77
CA PRO A 62 -2.59 19.05 -16.99
C PRO A 62 -1.37 18.81 -16.12
N LYS A 63 -1.50 18.11 -14.99
CA LYS A 63 -0.43 18.03 -14.01
C LYS A 63 0.28 16.68 -14.00
N GLY A 64 -0.08 15.76 -14.89
CA GLY A 64 0.52 14.44 -14.78
C GLY A 64 0.05 13.65 -13.58
N ARG A 65 -1.18 13.86 -13.13
CA ARG A 65 -1.64 13.23 -11.90
C ARG A 65 -1.67 11.70 -12.00
N TYR A 66 -1.97 11.14 -13.18
CA TYR A 66 -2.28 9.73 -13.30
C TYR A 66 -1.40 9.04 -14.34
N GLU A 67 -1.33 7.72 -14.24
CA GLU A 67 -0.66 6.90 -15.26
C GLU A 67 -1.46 5.63 -15.47
N ILE A 68 -1.74 5.29 -16.72
CA ILE A 68 -2.31 4.00 -17.09
C ILE A 68 -1.20 3.16 -17.71
N ARG A 69 -1.03 1.94 -17.21
CA ARG A 69 -0.10 0.98 -17.81
C ARG A 69 -0.90 -0.28 -18.09
N GLY A 70 -0.99 -0.64 -19.36
CA GLY A 70 -1.84 -1.76 -19.71
C GLY A 70 -3.28 -1.44 -19.34
N ASP A 71 -3.84 -2.24 -18.44
CA ASP A 71 -5.21 -2.01 -18.00
C ASP A 71 -5.27 -1.73 -16.50
N ARG A 72 -4.18 -1.18 -15.96
CA ARG A 72 -4.10 -0.78 -14.57
C ARG A 72 -3.80 0.72 -14.50
N ILE A 73 -4.19 1.36 -13.40
CA ILE A 73 -4.09 2.80 -13.27
C ILE A 73 -3.58 3.14 -11.88
N ARG A 74 -2.76 4.19 -11.78
CA ARG A 74 -2.32 4.68 -10.48
C ARG A 74 -2.25 6.20 -10.49
N ALA A 75 -2.17 6.78 -9.30
CA ALA A 75 -1.68 8.15 -9.18
C ALA A 75 -0.17 8.16 -9.21
N ARG A 76 0.42 9.18 -9.87
CA ARG A 76 1.89 9.24 -9.97
C ARG A 76 2.56 9.85 -8.74
N TYR A 77 1.83 10.50 -7.85
CA TYR A 77 2.44 11.13 -6.69
C TYR A 77 1.37 11.38 -5.65
N GLY A 78 1.80 11.79 -4.46
CA GLY A 78 0.90 12.28 -3.44
C GLY A 78 0.27 11.21 -2.56
N HIS A 79 0.80 10.00 -2.55
CA HIS A 79 0.20 8.91 -1.80
C HIS A 79 0.38 9.16 -0.30
N SER A 80 -0.62 8.76 0.47
CA SER A 80 -0.54 8.81 1.92
C SER A 80 -0.53 7.40 2.49
N PHE A 81 -0.35 6.40 1.64
CA PHE A 81 -0.10 5.02 2.07
C PHE A 81 1.20 4.57 1.43
N PRO A 82 1.89 3.59 2.01
CA PRO A 82 3.20 3.20 1.48
C PRO A 82 3.08 2.53 0.11
N VAL A 83 3.87 3.03 -0.85
CA VAL A 83 3.97 2.47 -2.19
C VAL A 83 5.43 2.48 -2.61
N SER A 84 5.74 1.61 -3.57
CA SER A 84 7.08 1.56 -4.16
C SER A 84 6.90 1.81 -5.65
N LEU A 85 6.94 3.09 -6.03
CA LEU A 85 6.51 3.52 -7.35
C LEU A 85 7.38 2.93 -8.45
N ASP A 86 8.68 2.76 -8.17
CA ASP A 86 9.60 2.23 -9.14
C ASP A 86 9.99 0.80 -8.85
N HIS A 87 9.25 0.12 -7.97
CA HIS A 87 9.49 -1.30 -7.69
C HIS A 87 10.93 -1.56 -7.25
N GLU A 88 11.55 -0.60 -6.56
CA GLU A 88 12.98 -0.75 -6.28
C GLU A 88 13.17 -1.59 -5.01
N GLU A 89 13.92 -2.67 -5.18
CA GLU A 89 14.09 -3.69 -4.16
C GLU A 89 15.06 -3.22 -3.09
N ASP A 90 14.77 -3.57 -1.83
CA ASP A 90 15.74 -3.44 -0.74
C ASP A 90 16.50 -4.76 -0.65
N THR A 91 17.76 -4.73 -1.03
CA THR A 91 18.65 -5.88 -0.96
C THR A 91 19.66 -5.83 0.17
N GLU A 92 19.85 -4.66 0.81
CA GLU A 92 20.92 -4.53 1.80
C GLU A 92 20.45 -4.77 3.23
N SER A 93 19.18 -4.52 3.53
CA SER A 93 18.71 -4.64 4.91
C SER A 93 18.83 -6.07 5.40
N ARG A 94 19.35 -6.24 6.62
CA ARG A 94 19.36 -7.53 7.27
C ARG A 94 18.19 -7.72 8.21
N PHE A 95 17.72 -6.66 8.87
CA PHE A 95 16.65 -6.77 9.85
C PHE A 95 15.64 -5.66 9.64
N LEU A 96 14.36 -6.00 9.74
CA LEU A 96 13.27 -5.04 9.62
C LEU A 96 12.39 -5.14 10.86
N TYR A 97 11.57 -4.13 11.08
CA TYR A 97 10.82 -4.05 12.32
C TYR A 97 9.36 -3.72 12.08
N HIS A 98 8.53 -4.27 12.95
CA HIS A 98 7.10 -3.98 12.94
C HIS A 98 6.62 -3.95 14.38
N GLY A 99 5.79 -2.97 14.72
CA GLY A 99 5.24 -2.89 16.05
C GLY A 99 3.79 -3.35 16.01
N THR A 100 3.46 -4.26 16.91
CA THR A 100 2.11 -4.80 17.02
C THR A 100 1.55 -4.57 18.41
N PRO A 101 0.39 -3.96 18.53
CA PRO A 101 -0.29 -3.90 19.84
C PRO A 101 -0.37 -5.27 20.48
N ARG A 102 -0.16 -5.31 21.79
CA ARG A 102 -0.10 -6.58 22.52
C ARG A 102 -1.39 -7.38 22.34
N ARG A 103 -2.53 -6.71 22.16
CA ARG A 103 -3.80 -7.41 21.95
C ARG A 103 -3.83 -8.19 20.64
N ASN A 104 -3.18 -7.68 19.60
CA ASN A 104 -3.15 -8.35 18.30
C ASN A 104 -2.01 -9.35 18.20
N LEU A 105 -1.26 -9.54 19.25
CA LEU A 105 -0.06 -10.36 19.15
C LEU A 105 -0.38 -11.84 19.00
N PRO A 106 -1.48 -12.38 19.59
CA PRO A 106 -1.71 -13.83 19.40
C PRO A 106 -1.90 -14.25 17.95
N SER A 107 -2.66 -13.52 17.16
CA SER A 107 -2.88 -13.92 15.77
C SER A 107 -1.64 -13.70 14.93
N ILE A 108 -0.87 -12.66 15.23
CA ILE A 108 0.34 -12.41 14.45
C ILE A 108 1.39 -13.50 14.70
N LEU A 109 1.49 -13.98 15.93
CA LEU A 109 2.50 -15.01 16.17
C LEU A 109 2.16 -16.29 15.42
N LYS A 110 0.87 -16.63 15.36
CA LYS A 110 0.45 -17.84 14.68
C LYS A 110 0.57 -17.68 13.16
N GLU A 111 0.09 -16.56 12.62
CA GLU A 111 -0.02 -16.41 11.17
C GLU A 111 1.03 -15.51 10.55
N GLY A 112 1.85 -14.84 11.33
CA GLY A 112 2.75 -13.86 10.75
C GLY A 112 2.00 -12.58 10.40
N LEU A 113 2.65 -11.73 9.62
CA LEU A 113 2.03 -10.49 9.16
C LEU A 113 1.37 -10.76 7.82
N LYS A 114 0.06 -10.75 7.79
CA LYS A 114 -0.70 -11.00 6.59
C LYS A 114 -1.35 -9.70 6.14
N PRO A 115 -1.36 -9.42 4.83
CA PRO A 115 -2.01 -8.19 4.36
C PRO A 115 -3.52 -8.27 4.51
N MET A 116 -4.10 -7.15 4.96
CA MET A 116 -5.51 -7.01 5.33
C MET A 116 -6.07 -5.87 4.49
N LYS A 117 -7.03 -6.16 3.60
CA LYS A 117 -7.61 -5.13 2.74
C LYS A 117 -6.56 -4.41 1.90
N ARG A 118 -5.39 -5.03 1.72
CA ARG A 118 -4.26 -4.47 0.98
C ARG A 118 -3.47 -5.66 0.45
N GLN A 119 -2.65 -5.41 -0.58
CA GLN A 119 -1.92 -6.52 -1.18
C GLN A 119 -0.58 -6.79 -0.50
N TYR A 120 -0.19 -5.97 0.45
CA TYR A 120 1.14 -6.10 1.05
C TYR A 120 1.09 -5.52 2.45
N VAL A 121 2.14 -5.78 3.22
CA VAL A 121 2.27 -5.24 4.57
C VAL A 121 3.45 -4.27 4.57
N HIS A 122 3.53 -3.46 5.60
CA HIS A 122 4.60 -2.49 5.67
C HIS A 122 5.36 -2.64 6.98
N VAL A 123 6.66 -2.50 6.90
CA VAL A 123 7.56 -2.62 8.02
C VAL A 123 8.57 -1.48 7.90
N SER A 124 9.49 -1.39 8.86
CA SER A 124 10.41 -0.28 8.88
C SER A 124 11.84 -0.78 9.10
N THR A 125 12.81 -0.05 8.53
CA THR A 125 14.20 -0.32 8.86
C THR A 125 14.56 0.17 10.25
N ASP A 126 13.72 0.99 10.88
CA ASP A 126 14.05 1.62 12.15
C ASP A 126 13.08 1.14 13.22
N LYS A 127 13.62 0.63 14.32
CA LYS A 127 12.77 0.03 15.34
C LYS A 127 11.90 1.08 16.05
N ILE A 128 12.42 2.29 16.26
CA ILE A 128 11.61 3.32 16.92
C ILE A 128 10.45 3.74 16.04
N GLU A 129 10.70 3.94 14.75
CA GLU A 129 9.60 4.29 13.85
C GLU A 129 8.58 3.15 13.75
N ALA A 130 9.05 1.89 13.77
CA ALA A 130 8.11 0.75 13.79
C ALA A 130 7.21 0.80 15.01
N LEU A 131 7.77 1.10 16.18
CA LEU A 131 6.97 1.16 17.41
C LEU A 131 5.98 2.34 17.38
N GLU A 132 6.44 3.50 16.90
CA GLU A 132 5.54 4.65 16.75
C GLU A 132 4.40 4.34 15.79
N THR A 133 4.70 3.66 14.67
CA THR A 133 3.64 3.31 13.72
C THR A 133 2.65 2.34 14.35
N GLY A 134 3.13 1.42 15.18
CA GLY A 134 2.25 0.49 15.87
C GLY A 134 1.43 1.13 16.97
N ARG A 135 2.00 2.15 17.66
CA ARG A 135 1.27 2.88 18.70
C ARG A 135 0.00 3.52 18.15
N ARG A 136 0.01 3.93 16.88
CA ARG A 136 -1.19 4.49 16.26
C ARG A 136 -2.34 3.49 16.28
N HIS A 137 -2.05 2.19 16.33
CA HIS A 137 -3.05 1.12 16.25
C HIS A 137 -3.49 0.58 17.60
N GLY A 138 -2.90 1.04 18.70
CA GLY A 138 -3.26 0.54 20.02
C GLY A 138 -2.08 0.59 20.97
N ARG A 139 -2.36 0.33 22.24
CA ARG A 139 -1.37 0.47 23.30
C ARG A 139 -0.53 -0.79 23.49
N GLU A 140 0.48 -0.68 24.34
CA GLU A 140 1.38 -1.79 24.69
C GLU A 140 1.96 -2.44 23.44
N VAL A 141 2.65 -1.65 22.65
CA VAL A 141 3.19 -2.12 21.39
C VAL A 141 4.31 -3.11 21.63
N VAL A 142 4.26 -4.26 20.94
CA VAL A 142 5.32 -5.26 20.99
C VAL A 142 6.16 -5.14 19.73
N LEU A 143 7.48 -5.20 19.89
CA LEU A 143 8.38 -5.08 18.75
C LEU A 143 8.62 -6.43 18.10
N LEU A 144 8.34 -6.53 16.79
CA LEU A 144 8.70 -7.71 16.02
C LEU A 144 9.98 -7.44 15.25
N VAL A 145 10.90 -8.39 15.30
CA VAL A 145 12.16 -8.31 14.57
C VAL A 145 12.04 -9.28 13.40
N ILE A 146 12.24 -8.77 12.19
CA ILE A 146 11.99 -9.52 10.98
C ILE A 146 13.32 -9.81 10.30
N ASP A 147 13.62 -11.09 10.08
CA ASP A 147 14.84 -11.50 9.39
C ASP A 147 14.64 -11.29 7.91
N ALA A 148 15.26 -10.25 7.35
CA ALA A 148 15.04 -9.94 5.95
C ALA A 148 15.60 -11.01 5.03
N GLU A 149 16.70 -11.67 5.42
CA GLU A 149 17.24 -12.73 4.57
C GLU A 149 16.31 -13.94 4.55
N CYS A 150 15.66 -14.24 5.67
CA CYS A 150 14.64 -15.28 5.69
C CYS A 150 13.53 -14.96 4.69
N LEU A 151 13.10 -13.69 4.65
CA LEU A 151 12.04 -13.27 3.73
C LEU A 151 12.45 -13.46 2.27
N ARG A 152 13.67 -13.03 1.93
CA ARG A 152 14.11 -13.14 0.55
C ARG A 152 14.25 -14.60 0.13
N LYS A 153 14.91 -15.42 0.97
CA LYS A 153 15.01 -16.85 0.71
C LYS A 153 13.64 -17.51 0.51
N ARG A 154 12.62 -17.02 1.22
CA ARG A 154 11.28 -17.58 1.06
C ARG A 154 10.58 -17.06 -0.20
N GLY A 155 11.23 -16.17 -0.97
CA GLY A 155 10.67 -15.67 -2.21
C GLY A 155 10.00 -14.31 -2.12
N PHE A 156 10.01 -13.69 -0.96
CA PHE A 156 9.36 -12.40 -0.79
C PHE A 156 10.38 -11.31 -1.06
N LYS A 157 10.15 -10.52 -2.08
CA LYS A 157 10.99 -9.38 -2.35
C LYS A 157 10.54 -8.21 -1.50
N ILE A 158 11.50 -7.50 -0.94
CA ILE A 158 11.25 -6.36 -0.07
C ILE A 158 11.47 -5.10 -0.89
N TYR A 159 10.52 -4.17 -0.86
CA TYR A 159 10.58 -2.97 -1.70
C TYR A 159 10.71 -1.70 -0.88
N LYS A 160 11.46 -0.72 -1.41
CA LYS A 160 11.61 0.56 -0.74
C LYS A 160 10.37 1.42 -0.96
N ALA A 161 9.79 1.92 0.14
CA ALA A 161 8.57 2.71 0.07
C ALA A 161 8.75 4.12 0.61
N GLY A 162 9.97 4.64 0.57
CA GLY A 162 10.24 5.99 1.00
C GLY A 162 10.80 6.02 2.40
N LYS A 163 11.89 6.77 2.58
CA LYS A 163 12.63 6.90 3.83
C LYS A 163 12.93 5.54 4.44
N ASN A 164 12.33 5.22 5.58
CA ASN A 164 12.69 3.98 6.24
C ASN A 164 11.62 2.92 6.08
N VAL A 165 10.60 3.19 5.30
CA VAL A 165 9.49 2.28 5.15
C VAL A 165 9.82 1.26 4.06
N ARG A 166 9.45 0.01 4.30
CA ARG A 166 9.56 -1.07 3.34
C ARG A 166 8.22 -1.78 3.24
N ILE A 167 7.93 -2.35 2.07
CA ILE A 167 6.72 -3.14 1.92
C ILE A 167 7.09 -4.50 1.37
N VAL A 168 6.30 -5.50 1.76
CA VAL A 168 6.53 -6.88 1.34
C VAL A 168 5.17 -7.58 1.35
N GLU A 169 5.03 -8.62 0.53
CA GLU A 169 3.71 -9.23 0.36
C GLU A 169 3.14 -9.68 1.72
N ARG A 170 3.96 -10.36 2.51
CA ARG A 170 3.58 -10.83 3.83
C ARG A 170 4.86 -11.25 4.54
N VAL A 171 4.76 -11.45 5.84
CA VAL A 171 5.89 -11.91 6.63
C VAL A 171 5.48 -13.20 7.30
N PRO A 172 6.01 -14.35 6.89
CA PRO A 172 5.64 -15.60 7.51
C PRO A 172 6.17 -15.66 8.94
N PRO A 173 5.52 -16.40 9.86
CA PRO A 173 5.96 -16.44 11.25
C PRO A 173 7.40 -16.90 11.42
N ASP A 174 7.94 -17.61 10.43
CA ASP A 174 9.31 -18.16 10.54
C ASP A 174 10.36 -17.05 10.49
N CYS A 175 10.01 -15.90 9.92
CA CYS A 175 10.97 -14.79 9.78
C CYS A 175 10.78 -13.79 10.94
N ILE A 176 10.01 -14.17 11.96
CA ILE A 176 9.67 -13.20 13.05
C ILE A 176 10.23 -13.62 14.42
N THR A 177 10.79 -12.65 15.16
CA THR A 177 11.23 -12.88 16.55
C THR A 177 10.71 -11.71 17.36
N LEU A 178 10.53 -11.89 18.66
CA LEU A 178 9.92 -10.89 19.53
C LEU A 178 11.03 -10.10 20.21
N ALA A 179 10.71 -8.86 20.60
CA ALA A 179 11.61 -8.06 21.42
C ALA A 179 10.78 -7.07 22.23
N VAL A 180 11.36 -6.61 23.35
CA VAL A 180 10.64 -5.71 24.25
C VAL A 180 10.62 -4.29 23.67
S SO4 B . -0.87 -5.19 13.37
O1 SO4 B . -1.45 -5.90 12.23
O2 SO4 B . -1.39 -3.82 13.45
O3 SO4 B . -1.18 -5.89 14.61
O4 SO4 B . 0.59 -5.17 13.19
S SO4 C . -3.46 -4.92 26.54
O1 SO4 C . -2.52 -5.93 26.08
O2 SO4 C . -4.78 -5.51 26.71
O3 SO4 C . -3.00 -4.42 27.84
O4 SO4 C . -3.53 -3.83 25.57
S SO4 D . -7.09 21.25 -12.86
O1 SO4 D . -6.61 20.10 -13.62
O2 SO4 D . -8.39 20.94 -12.26
O3 SO4 D . -6.13 21.53 -11.80
O4 SO4 D . -7.22 22.40 -13.77
S SO4 E . 3.99 -20.06 5.95
O1 SO4 E . 3.08 -21.17 6.20
O2 SO4 E . 3.38 -18.80 6.39
O3 SO4 E . 5.24 -20.24 6.68
O4 SO4 E . 4.26 -20.00 4.51
S SO4 F . -7.30 -7.29 -6.98
O1 SO4 F . -7.06 -8.71 -6.70
O2 SO4 F . -8.69 -7.09 -7.39
O3 SO4 F . -7.05 -6.56 -5.74
O4 SO4 F . -6.41 -6.86 -8.05
N1 A1EJC G . -9.08 18.44 -10.88
N3 A1EJC G . -8.34 16.43 -10.02
C4 A1EJC G . -7.86 15.72 -8.99
C6 A1EJC G . -7.79 17.45 -7.62
C7 A1EJC G . -8.30 18.30 -8.58
C13 A1EJC G . -6.64 18.46 -3.07
C20 A1EJC G . -5.30 18.01 -3.64
C26 A1EJC G . -5.46 18.23 -5.14
C11 A1EJC G . -6.91 17.79 -5.28
C14 A1EJC G . -6.66 19.84 -2.49
C2 A1EJC G . -8.58 17.75 -9.84
C9 A1EJC G . -7.91 19.51 -6.87
N10 A1EJC G . -7.55 18.23 -6.52
N5 A1EJC G . -7.55 16.14 -7.76
N8 A1EJC G . -8.37 19.61 -8.10
O12 A1EJC G . -7.57 18.39 -4.18
O15 A1EJC G . -6.34 20.72 -3.57
O17 A1EJC G . -5.30 22.68 -2.42
O18 A1EJC G . -7.79 22.62 -2.80
O19 A1EJC G . -6.22 22.87 -4.77
O21 A1EJC G . -5.07 16.61 -3.39
O23 A1EJC G . -5.19 16.41 -0.87
O24 A1EJC G . -2.99 16.87 -2.05
O25 A1EJC G . -4.13 14.62 -2.34
O27 A1EJC G . -4.63 17.40 -5.98
O29 A1EJC G . -2.97 17.10 -7.75
O30 A1EJC G . -2.48 18.72 -5.86
O31 A1EJC G . -4.24 19.28 -7.57
P16 A1EJC G . -6.42 22.32 -3.36
P22 A1EJC G . -4.30 16.11 -2.06
P28 A1EJC G . -3.50 18.19 -6.84
C1 GOL H . -2.54 1.88 4.39
O1 GOL H . -2.09 0.89 3.50
C2 GOL H . -1.52 2.00 5.58
O2 GOL H . -1.00 3.27 5.67
C3 GOL H . -2.32 1.63 6.90
O3 GOL H . -1.72 0.46 7.47
#